data_3N7Y
#
_entry.id   3N7Y
#
_cell.length_a   83.162
_cell.length_b   83.162
_cell.length_c   96.009
_cell.angle_alpha   90.00
_cell.angle_beta   90.00
_cell.angle_gamma   120.00
#
_symmetry.space_group_name_H-M   'P 32 2 1'
#
loop_
_entity.id
_entity.type
_entity.pdbx_description
1 polymer 'Growth factor receptor-bound protein 2'
2 polymer '20-membered peptide-like macrocyclic ligand'
3 water water
#
loop_
_entity_poly.entity_id
_entity_poly.type
_entity_poly.pdbx_seq_one_letter_code
_entity_poly.pdbx_strand_id
1 'polypeptide(L)'
;MKPHPWFFGKIPRAKAEEMLSKQRHDGAFLIRESESAPGDFSLSVKFGNDVQHFKVLRDGAGKYFLWVVKFNSLNELVDY
HRSTSVSRNQQIFLRDIE
;
A,B,C
2 'polypeptide(L)' (PTR)VNV(011) D,E,F
#
# COMPACT_ATOMS: atom_id res chain seq x y z
N MET A 1 5.69 4.57 20.32
CA MET A 1 5.77 3.81 21.59
C MET A 1 4.75 2.68 21.59
N LYS A 2 3.99 2.58 20.50
CA LYS A 2 2.98 1.54 20.36
C LYS A 2 3.09 0.99 18.93
N PRO A 3 2.86 -0.32 18.76
CA PRO A 3 2.94 -0.92 17.42
C PRO A 3 1.86 -0.39 16.47
N HIS A 4 2.20 -0.30 15.18
CA HIS A 4 1.26 0.18 14.18
C HIS A 4 0.21 -0.88 13.85
N PRO A 5 -1.07 -0.58 14.08
CA PRO A 5 -2.15 -1.53 13.80
C PRO A 5 -2.34 -1.86 12.32
N TRP A 6 -1.70 -1.10 11.43
CA TRP A 6 -1.85 -1.36 10.00
C TRP A 6 -0.88 -2.41 9.43
N PHE A 7 0.10 -2.83 10.23
CA PHE A 7 1.05 -3.83 9.75
C PHE A 7 0.57 -5.23 10.10
N PHE A 8 0.13 -5.98 9.09
CA PHE A 8 -0.38 -7.32 9.32
C PHE A 8 0.55 -8.45 8.94
N GLY A 9 1.77 -8.12 8.59
CA GLY A 9 2.72 -9.15 8.21
C GLY A 9 2.31 -9.93 6.96
N LYS A 10 2.56 -11.24 6.98
CA LYS A 10 2.25 -12.07 5.84
C LYS A 10 0.84 -12.68 5.79
N ILE A 11 -0.15 -11.86 5.48
CA ILE A 11 -1.50 -12.40 5.37
C ILE A 11 -1.83 -12.42 3.89
N PRO A 12 -2.46 -13.50 3.41
CA PRO A 12 -2.81 -13.63 2.00
C PRO A 12 -3.63 -12.46 1.46
N ARG A 13 -3.42 -12.15 0.18
CA ARG A 13 -4.14 -11.07 -0.49
C ARG A 13 -5.66 -11.27 -0.31
N ALA A 14 -6.12 -12.49 -0.52
CA ALA A 14 -7.55 -12.83 -0.39
C ALA A 14 -8.05 -12.55 1.02
N LYS A 15 -7.21 -12.83 2.00
CA LYS A 15 -7.57 -12.58 3.40
C LYS A 15 -7.71 -11.09 3.68
N ALA A 16 -6.78 -10.31 3.14
CA ALA A 16 -6.84 -8.86 3.35
C ALA A 16 -8.10 -8.30 2.72
N GLU A 17 -8.45 -8.82 1.54
CA GLU A 17 -9.65 -8.36 0.85
C GLU A 17 -10.90 -8.67 1.68
N GLU A 18 -10.99 -9.89 2.20
CA GLU A 18 -12.14 -10.29 3.00
C GLU A 18 -12.33 -9.33 4.17
N MET A 19 -11.24 -9.08 4.88
CA MET A 19 -11.26 -8.19 6.05
C MET A 19 -11.59 -6.73 5.70
N LEU A 20 -10.97 -6.20 4.66
CA LEU A 20 -11.22 -4.81 4.28
C LEU A 20 -12.60 -4.59 3.68
N SER A 21 -13.12 -5.59 2.96
CA SER A 21 -14.44 -5.43 2.34
C SER A 21 -15.51 -5.25 3.41
N LYS A 22 -15.22 -5.70 4.62
CA LYS A 22 -16.15 -5.58 5.73
C LYS A 22 -16.08 -4.20 6.37
N GLN A 23 -15.01 -3.46 6.10
CA GLN A 23 -14.84 -2.12 6.66
C GLN A 23 -15.90 -1.19 6.08
N ARG A 24 -16.27 -0.18 6.86
CA ARG A 24 -17.31 0.74 6.43
C ARG A 24 -16.82 2.03 5.78
N HIS A 25 -15.57 2.42 6.03
CA HIS A 25 -15.05 3.67 5.47
C HIS A 25 -14.05 3.53 4.33
N ASP A 26 -14.23 4.33 3.29
CA ASP A 26 -13.29 4.30 2.18
C ASP A 26 -11.94 4.68 2.75
N GLY A 27 -10.88 3.97 2.35
CA GLY A 27 -9.56 4.32 2.84
C GLY A 27 -9.01 3.38 3.90
N ALA A 28 -9.87 2.61 4.56
CA ALA A 28 -9.42 1.65 5.56
C ALA A 28 -8.34 0.84 4.84
N PHE A 29 -7.19 0.67 5.47
CA PHE A 29 -6.09 -0.05 4.80
C PHE A 29 -5.24 -0.91 5.73
N LEU A 30 -4.28 -1.58 5.13
CA LEU A 30 -3.31 -2.40 5.86
C LEU A 30 -2.13 -2.64 4.94
N ILE A 31 -0.96 -2.85 5.53
CA ILE A 31 0.22 -3.16 4.76
C ILE A 31 0.46 -4.63 5.04
N ARG A 32 0.71 -5.40 3.99
CA ARG A 32 0.97 -6.82 4.15
C ARG A 32 2.22 -7.18 3.38
N GLU A 33 2.79 -8.33 3.71
CA GLU A 33 3.98 -8.83 3.03
C GLU A 33 3.46 -9.75 1.93
N SER A 34 3.79 -9.41 0.69
CA SER A 34 3.35 -10.15 -0.47
C SER A 34 3.85 -11.59 -0.55
N GLU A 35 2.98 -12.50 -1.01
CA GLU A 35 3.37 -13.91 -1.17
C GLU A 35 3.86 -14.08 -2.59
N SER A 36 3.14 -13.49 -3.53
CA SER A 36 3.48 -13.58 -4.95
C SER A 36 4.86 -12.96 -5.20
N ALA A 37 5.24 -12.02 -4.35
CA ALA A 37 6.54 -11.36 -4.48
C ALA A 37 7.21 -11.28 -3.11
N PRO A 38 7.83 -12.39 -2.68
CA PRO A 38 8.49 -12.43 -1.38
C PRO A 38 9.53 -11.32 -1.20
N GLY A 39 9.43 -10.60 -0.08
CA GLY A 39 10.37 -9.52 0.17
C GLY A 39 9.76 -8.19 -0.18
N ASP A 40 8.59 -8.21 -0.82
CA ASP A 40 7.88 -6.99 -1.21
C ASP A 40 6.68 -6.75 -0.29
N PHE A 41 6.31 -5.47 -0.15
CA PHE A 41 5.17 -5.09 0.67
C PHE A 41 4.04 -4.69 -0.26
N SER A 42 2.81 -4.91 0.20
CA SER A 42 1.64 -4.55 -0.58
C SER A 42 0.70 -3.73 0.29
N LEU A 43 0.11 -2.70 -0.31
CA LEU A 43 -0.83 -1.83 0.38
C LEU A 43 -2.23 -2.14 -0.15
N SER A 44 -3.11 -2.60 0.74
CA SER A 44 -4.49 -2.93 0.36
C SER A 44 -5.41 -1.88 0.97
N VAL A 45 -6.29 -1.33 0.15
CA VAL A 45 -7.19 -0.26 0.57
C VAL A 45 -8.65 -0.44 0.17
N LYS A 46 -9.55 -0.22 1.11
CA LYS A 46 -10.98 -0.33 0.85
C LYS A 46 -11.44 0.91 0.10
N PHE A 47 -12.19 0.71 -0.99
CA PHE A 47 -12.72 1.84 -1.74
C PHE A 47 -14.02 1.41 -2.40
N GLY A 48 -15.13 1.90 -1.86
CA GLY A 48 -16.41 1.52 -2.40
C GLY A 48 -16.63 0.04 -2.17
N ASN A 49 -17.24 -0.63 -3.13
CA ASN A 49 -17.52 -2.05 -3.02
C ASN A 49 -16.31 -2.89 -3.45
N ASP A 50 -15.14 -2.26 -3.49
CA ASP A 50 -13.94 -2.95 -3.94
C ASP A 50 -12.77 -2.74 -2.98
N VAL A 51 -11.66 -3.43 -3.27
CA VAL A 51 -10.44 -3.31 -2.50
C VAL A 51 -9.31 -3.14 -3.50
N GLN A 52 -8.65 -1.98 -3.47
CA GLN A 52 -7.55 -1.73 -4.39
C GLN A 52 -6.21 -2.12 -3.75
N HIS A 53 -5.32 -2.66 -4.57
CA HIS A 53 -4.00 -3.10 -4.10
C HIS A 53 -2.88 -2.34 -4.80
N PHE A 54 -1.93 -1.87 -4.01
CA PHE A 54 -0.78 -1.15 -4.56
C PHE A 54 0.50 -1.84 -4.13
N LYS A 55 1.47 -1.90 -5.03
CA LYS A 55 2.74 -2.52 -4.70
C LYS A 55 3.70 -1.46 -4.19
N VAL A 56 4.36 -1.75 -3.06
CA VAL A 56 5.31 -0.78 -2.53
C VAL A 56 6.62 -1.06 -3.26
N LEU A 57 7.12 -0.06 -3.96
CA LEU A 57 8.36 -0.17 -4.72
C LEU A 57 9.51 0.41 -3.90
N ARG A 58 10.73 0.04 -4.27
CA ARG A 58 11.94 0.54 -3.61
C ARG A 58 12.93 0.97 -4.69
N ASP A 59 13.53 2.14 -4.54
CA ASP A 59 14.49 2.61 -5.53
C ASP A 59 15.91 2.15 -5.19
N GLY A 60 16.86 2.58 -6.01
CA GLY A 60 18.25 2.20 -5.79
C GLY A 60 18.80 2.64 -4.45
N ALA A 61 18.23 3.70 -3.90
CA ALA A 61 18.68 4.20 -2.60
C ALA A 61 17.99 3.43 -1.47
N GLY A 62 16.99 2.63 -1.83
CA GLY A 62 16.29 1.84 -0.82
C GLY A 62 15.02 2.51 -0.31
N LYS A 63 14.67 3.66 -0.88
CA LYS A 63 13.48 4.36 -0.46
C LYS A 63 12.23 3.70 -1.01
N TYR A 64 11.15 3.76 -0.24
CA TYR A 64 9.88 3.17 -0.66
C TYR A 64 9.04 4.20 -1.41
N PHE A 65 8.28 3.75 -2.39
CA PHE A 65 7.40 4.66 -3.13
C PHE A 65 6.32 3.90 -3.87
N LEU A 66 5.30 4.63 -4.30
CA LEU A 66 4.19 4.03 -5.02
C LEU A 66 4.13 4.61 -6.43
N TRP A 67 4.35 5.92 -6.52
CA TRP A 67 4.31 6.60 -7.80
C TRP A 67 5.62 7.35 -8.06
N VAL A 68 5.75 8.57 -7.54
CA VAL A 68 6.97 9.35 -7.75
C VAL A 68 7.64 9.85 -6.46
N VAL A 69 6.85 10.30 -5.48
CA VAL A 69 7.43 10.76 -4.23
C VAL A 69 8.08 9.57 -3.51
N LYS A 70 9.24 9.82 -2.89
CA LYS A 70 9.98 8.76 -2.17
C LYS A 70 9.87 8.91 -0.66
N PHE A 71 9.94 7.78 0.06
CA PHE A 71 9.86 7.81 1.51
C PHE A 71 10.98 7.01 2.16
N ASN A 72 11.38 7.44 3.35
CA ASN A 72 12.44 6.77 4.07
C ASN A 72 11.95 5.58 4.90
N SER A 73 10.64 5.37 4.92
CA SER A 73 10.08 4.26 5.67
C SER A 73 8.64 4.01 5.26
N LEU A 74 8.17 2.79 5.54
CA LEU A 74 6.78 2.45 5.25
C LEU A 74 5.94 3.39 6.12
N ASN A 75 6.43 3.63 7.33
CA ASN A 75 5.76 4.49 8.30
C ASN A 75 5.47 5.87 7.70
N GLU A 76 6.45 6.47 7.04
CA GLU A 76 6.26 7.79 6.44
C GLU A 76 5.39 7.74 5.18
N LEU A 77 5.50 6.64 4.44
CA LEU A 77 4.69 6.48 3.23
C LEU A 77 3.23 6.44 3.66
N VAL A 78 2.93 5.64 4.67
CA VAL A 78 1.57 5.53 5.19
C VAL A 78 1.02 6.85 5.71
N ASP A 79 1.77 7.51 6.59
CA ASP A 79 1.28 8.78 7.14
C ASP A 79 1.10 9.85 6.07
N TYR A 80 1.99 9.87 5.09
CA TYR A 80 1.88 10.84 4.01
C TYR A 80 0.54 10.66 3.29
N HIS A 81 0.16 9.41 3.03
CA HIS A 81 -1.08 9.17 2.31
C HIS A 81 -2.36 9.23 3.15
N ARG A 82 -2.25 9.76 4.37
CA ARG A 82 -3.43 9.95 5.19
C ARG A 82 -4.02 11.30 4.79
N SER A 83 -3.20 12.15 4.18
CA SER A 83 -3.63 13.47 3.74
C SER A 83 -3.51 13.68 2.23
N THR A 84 -2.70 12.86 1.58
CA THR A 84 -2.49 12.94 0.13
C THR A 84 -3.00 11.64 -0.48
N SER A 85 -3.78 11.72 -1.55
CA SER A 85 -4.34 10.52 -2.16
C SER A 85 -3.30 9.45 -2.46
N VAL A 86 -3.63 8.21 -2.12
CA VAL A 86 -2.72 7.10 -2.35
C VAL A 86 -2.83 6.65 -3.82
N SER A 87 -3.80 7.21 -4.53
CA SER A 87 -4.02 6.87 -5.93
C SER A 87 -4.02 8.08 -6.86
N ARG A 88 -3.41 7.92 -8.04
CA ARG A 88 -3.37 9.00 -9.02
C ARG A 88 -4.62 8.97 -9.91
N ASN A 89 -5.48 7.98 -9.68
CA ASN A 89 -6.71 7.81 -10.46
C ASN A 89 -7.90 8.44 -9.76
N GLN A 90 -8.11 8.04 -8.51
CA GLN A 90 -9.20 8.56 -7.69
C GLN A 90 -8.62 9.14 -6.40
N GLN A 91 -9.44 9.91 -5.68
CA GLN A 91 -9.03 10.50 -4.43
C GLN A 91 -9.33 9.49 -3.33
N ILE A 92 -8.29 8.90 -2.77
CA ILE A 92 -8.44 7.90 -1.72
C ILE A 92 -7.42 8.21 -0.62
N PHE A 93 -7.91 8.39 0.60
CA PHE A 93 -7.04 8.72 1.73
C PHE A 93 -7.04 7.61 2.77
N LEU A 94 -5.84 7.21 3.19
CA LEU A 94 -5.69 6.13 4.15
C LEU A 94 -6.29 6.46 5.52
N ARG A 95 -7.02 5.50 6.06
CA ARG A 95 -7.66 5.61 7.37
C ARG A 95 -7.47 4.29 8.10
N ASP A 96 -7.23 4.36 9.41
CA ASP A 96 -7.03 3.14 10.18
C ASP A 96 -8.26 2.22 10.17
N ILE A 97 -8.02 0.93 10.18
CA ILE A 97 -9.08 -0.06 10.21
C ILE A 97 -9.82 0.14 11.54
N GLU A 98 -11.13 -0.11 11.53
CA GLU A 98 -11.92 0.02 12.74
C GLU A 98 -12.72 -1.25 12.98
N MET B 1 1.88 -29.14 20.08
CA MET B 1 1.77 -29.27 18.61
C MET B 1 1.25 -30.62 18.15
N LYS B 2 0.44 -30.60 17.09
CA LYS B 2 -0.13 -31.82 16.53
C LYS B 2 0.37 -31.97 15.11
N PRO B 3 0.59 -33.21 14.65
CA PRO B 3 1.07 -33.44 13.29
C PRO B 3 0.04 -32.98 12.26
N HIS B 4 0.48 -32.77 11.02
CA HIS B 4 -0.42 -32.33 9.96
C HIS B 4 -1.36 -33.48 9.57
N PRO B 5 -2.61 -33.15 9.23
CA PRO B 5 -3.58 -34.18 8.84
C PRO B 5 -3.68 -34.42 7.34
N TRP B 6 -2.91 -33.68 6.54
CA TRP B 6 -2.98 -33.80 5.10
C TRP B 6 -1.94 -34.65 4.38
N PHE B 7 -0.93 -35.14 5.09
CA PHE B 7 0.11 -35.95 4.45
C PHE B 7 -0.12 -37.44 4.67
N PHE B 8 -0.44 -38.16 3.61
CA PHE B 8 -0.69 -39.60 3.70
C PHE B 8 0.39 -40.44 3.05
N GLY B 9 0.25 -41.76 3.19
CA GLY B 9 1.20 -42.67 2.60
C GLY B 9 0.84 -42.99 1.16
N LYS B 10 1.15 -44.22 0.75
CA LYS B 10 0.90 -44.66 -0.61
C LYS B 10 -0.55 -45.10 -0.80
N ILE B 11 -1.46 -44.15 -0.69
CA ILE B 11 -2.88 -44.44 -0.86
C ILE B 11 -3.19 -44.48 -2.36
N PRO B 12 -3.83 -45.55 -2.85
CA PRO B 12 -4.14 -45.62 -4.28
C PRO B 12 -4.96 -44.40 -4.70
N ARG B 13 -4.73 -43.94 -5.92
CA ARG B 13 -5.46 -42.80 -6.47
C ARG B 13 -6.97 -42.98 -6.32
N ALA B 14 -7.48 -44.11 -6.78
CA ALA B 14 -8.92 -44.39 -6.71
C ALA B 14 -9.44 -44.38 -5.27
N LYS B 15 -8.58 -44.81 -4.35
CA LYS B 15 -8.96 -44.84 -2.94
C LYS B 15 -9.04 -43.40 -2.43
N ALA B 16 -8.07 -42.57 -2.83
CA ALA B 16 -8.08 -41.18 -2.43
C ALA B 16 -9.36 -40.53 -2.96
N GLU B 17 -9.75 -40.91 -4.16
CA GLU B 17 -10.97 -40.35 -4.74
C GLU B 17 -12.20 -40.75 -3.94
N GLU B 18 -12.27 -42.01 -3.52
CA GLU B 18 -13.41 -42.46 -2.74
C GLU B 18 -13.48 -41.64 -1.46
N MET B 19 -12.32 -41.48 -0.81
CA MET B 19 -12.25 -40.72 0.43
C MET B 19 -12.72 -39.27 0.25
N LEU B 20 -12.14 -38.59 -0.71
CA LEU B 20 -12.48 -37.19 -0.94
C LEU B 20 -13.90 -36.97 -1.44
N SER B 21 -14.44 -37.92 -2.20
CA SER B 21 -15.79 -37.75 -2.73
C SER B 21 -16.82 -37.63 -1.61
N LYS B 22 -16.49 -38.18 -0.44
CA LYS B 22 -17.40 -38.14 0.70
C LYS B 22 -17.28 -36.85 1.49
N GLN B 23 -16.26 -36.04 1.18
CA GLN B 23 -16.08 -34.78 1.88
C GLN B 23 -17.16 -33.80 1.46
N ARG B 24 -17.51 -32.87 2.36
CA ARG B 24 -18.56 -31.90 2.07
C ARG B 24 -18.10 -30.60 1.43
N HIS B 25 -16.85 -30.20 1.62
CA HIS B 25 -16.39 -28.94 1.05
C HIS B 25 -15.40 -29.05 -0.10
N ASP B 26 -15.59 -28.23 -1.12
CA ASP B 26 -14.67 -28.21 -2.24
C ASP B 26 -13.35 -27.77 -1.62
N GLY B 27 -12.24 -28.32 -2.11
CA GLY B 27 -10.95 -27.94 -1.56
C GLY B 27 -10.38 -28.99 -0.62
N ALA B 28 -11.26 -29.84 -0.08
CA ALA B 28 -10.82 -30.91 0.80
C ALA B 28 -9.71 -31.63 0.05
N PHE B 29 -8.55 -31.81 0.68
CA PHE B 29 -7.44 -32.45 0.00
C PHE B 29 -6.56 -33.34 0.86
N LEU B 30 -5.57 -33.92 0.20
CA LEU B 30 -4.56 -34.76 0.83
C LEU B 30 -3.41 -34.86 -0.14
N ILE B 31 -2.21 -35.08 0.41
CA ILE B 31 -1.04 -35.27 -0.41
C ILE B 31 -0.65 -36.71 -0.13
N ARG B 32 -0.40 -37.47 -1.18
CA ARG B 32 -0.04 -38.87 -1.03
C ARG B 32 1.23 -39.23 -1.76
N GLU B 33 1.90 -40.28 -1.30
CA GLU B 33 3.09 -40.75 -1.97
C GLU B 33 2.50 -41.39 -3.21
N SER B 34 2.96 -40.96 -4.39
CA SER B 34 2.45 -41.47 -5.65
C SER B 34 2.68 -42.96 -5.84
N GLU B 35 1.63 -43.66 -6.23
CA GLU B 35 1.71 -45.10 -6.44
C GLU B 35 2.30 -45.40 -7.81
N SER B 36 2.09 -44.49 -8.75
CA SER B 36 2.60 -44.65 -10.11
C SER B 36 3.99 -44.06 -10.33
N ALA B 37 4.41 -43.17 -9.44
CA ALA B 37 5.72 -42.53 -9.54
C ALA B 37 6.44 -42.58 -8.19
N PRO B 38 7.18 -43.67 -7.94
CA PRO B 38 7.92 -43.83 -6.68
C PRO B 38 8.82 -42.65 -6.33
N GLY B 39 8.71 -42.18 -5.09
CA GLY B 39 9.52 -41.08 -4.65
C GLY B 39 8.84 -39.73 -4.85
N ASP B 40 7.80 -39.71 -5.69
CA ASP B 40 7.07 -38.46 -5.96
C ASP B 40 5.78 -38.34 -5.16
N PHE B 41 5.23 -37.14 -5.14
CA PHE B 41 4.01 -36.88 -4.41
C PHE B 41 2.90 -36.39 -5.35
N SER B 42 1.68 -36.72 -4.99
CA SER B 42 0.51 -36.32 -5.77
C SER B 42 -0.45 -35.63 -4.81
N LEU B 43 -1.07 -34.56 -5.27
CA LEU B 43 -2.03 -33.80 -4.48
C LEU B 43 -3.41 -34.06 -5.07
N SER B 44 -4.32 -34.60 -4.25
CA SER B 44 -5.69 -34.89 -4.68
C SER B 44 -6.63 -33.93 -3.98
N VAL B 45 -7.56 -33.34 -4.73
CA VAL B 45 -8.48 -32.35 -4.18
C VAL B 45 -9.90 -32.51 -4.68
N LYS B 46 -10.87 -32.33 -3.79
CA LYS B 46 -12.26 -32.42 -4.17
C LYS B 46 -12.73 -31.12 -4.82
N PHE B 47 -13.48 -31.25 -5.91
CA PHE B 47 -14.04 -30.09 -6.59
C PHE B 47 -15.33 -30.54 -7.27
N GLY B 48 -16.47 -30.17 -6.69
CA GLY B 48 -17.74 -30.59 -7.25
C GLY B 48 -17.88 -32.07 -6.97
N ASN B 49 -18.44 -32.81 -7.93
CA ASN B 49 -18.60 -34.25 -7.79
C ASN B 49 -17.40 -35.01 -8.36
N ASP B 50 -16.27 -34.32 -8.50
CA ASP B 50 -15.06 -34.96 -9.04
C ASP B 50 -13.91 -34.74 -8.08
N VAL B 51 -12.78 -35.36 -8.40
CA VAL B 51 -11.57 -35.21 -7.61
C VAL B 51 -10.45 -34.97 -8.61
N GLN B 52 -9.68 -33.91 -8.40
CA GLN B 52 -8.59 -33.58 -9.31
C GLN B 52 -7.25 -33.96 -8.69
N HIS B 53 -6.32 -34.35 -9.55
CA HIS B 53 -5.00 -34.77 -9.10
C HIS B 53 -3.91 -33.91 -9.72
N PHE B 54 -2.99 -33.46 -8.89
CA PHE B 54 -1.88 -32.64 -9.34
C PHE B 54 -0.56 -33.34 -8.99
N LYS B 55 0.35 -33.42 -9.95
CA LYS B 55 1.62 -34.06 -9.70
C LYS B 55 2.55 -33.01 -9.09
N VAL B 56 3.14 -33.32 -7.95
CA VAL B 56 4.06 -32.39 -7.31
C VAL B 56 5.39 -32.59 -8.03
N LEU B 57 5.83 -31.55 -8.72
CA LEU B 57 7.07 -31.61 -9.46
C LEU B 57 8.23 -31.13 -8.57
N ARG B 58 9.44 -31.45 -9.00
CA ARG B 58 10.65 -31.05 -8.27
C ARG B 58 11.70 -30.57 -9.25
N ASP B 59 12.35 -29.44 -8.96
CA ASP B 59 13.39 -28.93 -9.84
C ASP B 59 14.75 -29.46 -9.41
N GLY B 60 15.80 -29.07 -10.14
CA GLY B 60 17.14 -29.55 -9.81
C GLY B 60 17.63 -29.13 -8.43
N ALA B 61 17.04 -28.08 -7.87
CA ALA B 61 17.44 -27.60 -6.56
C ALA B 61 16.72 -28.36 -5.45
N GLY B 62 15.71 -29.15 -5.83
CA GLY B 62 14.97 -29.92 -4.86
C GLY B 62 13.65 -29.29 -4.44
N LYS B 63 13.35 -28.12 -5.00
CA LYS B 63 12.12 -27.42 -4.65
C LYS B 63 10.88 -28.08 -5.25
N TYR B 64 9.75 -27.97 -4.57
CA TYR B 64 8.50 -28.54 -5.04
C TYR B 64 7.68 -27.46 -5.75
N PHE B 65 6.93 -27.85 -6.78
CA PHE B 65 6.08 -26.91 -7.50
C PHE B 65 5.03 -27.61 -8.33
N LEU B 66 3.98 -26.88 -8.69
CA LEU B 66 2.89 -27.42 -9.49
C LEU B 66 2.85 -26.68 -10.83
N TRP B 67 3.12 -25.39 -10.78
CA TRP B 67 3.08 -24.58 -11.98
C TRP B 67 4.36 -23.78 -12.15
N VAL B 68 4.38 -22.55 -11.66
CA VAL B 68 5.57 -21.70 -11.77
C VAL B 68 6.23 -21.36 -10.43
N VAL B 69 5.42 -21.09 -9.41
CA VAL B 69 5.96 -20.77 -8.08
C VAL B 69 6.64 -21.99 -7.47
N LYS B 70 7.83 -21.80 -6.90
CA LYS B 70 8.57 -22.90 -6.29
C LYS B 70 8.49 -22.82 -4.76
N PHE B 71 8.46 -23.96 -4.09
CA PHE B 71 8.38 -23.99 -2.63
C PHE B 71 9.49 -24.87 -2.04
N ASN B 72 9.99 -24.52 -0.86
CA ASN B 72 11.05 -25.31 -0.24
C ASN B 72 10.51 -26.52 0.51
N SER B 73 9.20 -26.62 0.62
CA SER B 73 8.59 -27.73 1.32
C SER B 73 7.14 -27.94 0.91
N LEU B 74 6.63 -29.13 1.18
CA LEU B 74 5.24 -29.44 0.86
C LEU B 74 4.37 -28.57 1.75
N ASN B 75 4.84 -28.35 2.98
CA ASN B 75 4.12 -27.55 3.96
C ASN B 75 3.89 -26.12 3.46
N GLU B 76 4.90 -25.55 2.82
CA GLU B 76 4.78 -24.19 2.31
C GLU B 76 3.91 -24.15 1.05
N LEU B 77 3.96 -25.22 0.26
CA LEU B 77 3.13 -25.30 -0.95
C LEU B 77 1.68 -25.32 -0.49
N VAL B 78 1.39 -26.14 0.53
CA VAL B 78 0.05 -26.25 1.07
C VAL B 78 -0.42 -24.93 1.68
N ASP B 79 0.42 -24.32 2.53
CA ASP B 79 0.06 -23.05 3.16
C ASP B 79 -0.37 -22.04 2.10
N TYR B 80 0.49 -21.88 1.09
CA TYR B 80 0.22 -20.95 -0.01
C TYR B 80 -1.11 -21.20 -0.71
N HIS B 81 -1.40 -22.47 -1.00
CA HIS B 81 -2.63 -22.79 -1.71
C HIS B 81 -3.91 -22.85 -0.89
N ARG B 82 -3.86 -22.38 0.34
CA ARG B 82 -5.08 -22.33 1.14
C ARG B 82 -5.77 -21.00 0.77
N SER B 83 -5.00 -20.04 0.25
CA SER B 83 -5.56 -18.75 -0.13
C SER B 83 -5.40 -18.37 -1.60
N THR B 84 -4.59 -19.14 -2.32
CA THR B 84 -4.37 -18.93 -3.75
C THR B 84 -4.73 -20.25 -4.42
N SER B 85 -5.52 -20.19 -5.48
CA SER B 85 -5.96 -21.40 -6.16
C SER B 85 -4.85 -22.39 -6.52
N VAL B 86 -5.09 -23.65 -6.20
CA VAL B 86 -4.15 -24.71 -6.50
C VAL B 86 -4.23 -25.04 -8.00
N SER B 87 -5.27 -24.52 -8.66
CA SER B 87 -5.47 -24.75 -10.08
C SER B 87 -5.30 -23.50 -10.92
N ARG B 88 -4.73 -23.66 -12.11
CA ARG B 88 -4.52 -22.55 -13.02
C ARG B 88 -5.80 -22.14 -13.75
N ASN B 89 -6.72 -23.09 -13.95
CA ASN B 89 -7.95 -22.82 -14.70
C ASN B 89 -9.23 -22.73 -13.88
N GLN B 90 -9.17 -23.12 -12.61
CA GLN B 90 -10.34 -23.04 -11.76
C GLN B 90 -9.93 -22.53 -10.38
N GLN B 91 -10.90 -22.05 -9.59
CA GLN B 91 -10.62 -21.53 -8.26
C GLN B 91 -10.83 -22.63 -7.24
N ILE B 92 -9.73 -23.21 -6.78
CA ILE B 92 -9.79 -24.31 -5.82
C ILE B 92 -8.81 -24.01 -4.70
N PHE B 93 -9.33 -23.85 -3.49
CA PHE B 93 -8.52 -23.55 -2.32
C PHE B 93 -8.45 -24.75 -1.39
N LEU B 94 -7.24 -25.11 -0.97
CA LEU B 94 -7.05 -26.27 -0.10
C LEU B 94 -7.64 -26.12 1.29
N ARG B 95 -8.36 -27.15 1.71
CA ARG B 95 -9.00 -27.20 3.02
C ARG B 95 -8.73 -28.58 3.58
N ASP B 96 -8.40 -28.67 4.86
CA ASP B 96 -8.13 -29.97 5.48
C ASP B 96 -9.35 -30.86 5.48
N ILE B 97 -9.11 -32.16 5.37
CA ILE B 97 -10.17 -33.16 5.41
C ILE B 97 -10.87 -33.01 6.75
N GLU B 98 -12.19 -33.14 6.76
CA GLU B 98 -12.91 -33.03 8.01
C GLU B 98 -13.61 -34.35 8.29
N MET C 1 12.20 37.52 19.54
CA MET C 1 12.07 36.77 20.81
C MET C 1 10.99 35.69 20.72
N LYS C 2 10.35 35.60 19.56
CA LYS C 2 9.29 34.61 19.35
C LYS C 2 9.47 33.88 18.01
N PRO C 3 9.20 32.56 17.99
CA PRO C 3 9.33 31.79 16.77
C PRO C 3 8.31 32.17 15.70
N HIS C 4 8.63 31.89 14.44
CA HIS C 4 7.73 32.20 13.35
C HIS C 4 6.40 31.49 13.62
N PRO C 5 5.32 32.26 13.82
CA PRO C 5 3.99 31.71 14.10
C PRO C 5 3.31 31.07 12.88
N TRP C 6 3.90 31.26 11.71
CA TRP C 6 3.33 30.73 10.48
C TRP C 6 4.06 29.53 9.87
N PHE C 7 5.06 29.01 10.57
CA PHE C 7 5.85 27.90 10.08
C PHE C 7 5.36 26.52 10.53
N PHE C 8 5.09 25.64 9.57
CA PHE C 8 4.59 24.31 9.92
C PHE C 8 5.53 23.21 9.45
N GLY C 9 6.75 23.58 9.11
CA GLY C 9 7.72 22.59 8.67
C GLY C 9 7.34 21.76 7.45
N LYS C 10 7.58 20.46 7.55
CA LYS C 10 7.32 19.55 6.43
C LYS C 10 5.90 18.99 6.34
N ILE C 11 4.89 19.84 6.50
CA ILE C 11 3.53 19.36 6.37
C ILE C 11 3.27 19.15 4.88
N PRO C 12 2.66 18.01 4.51
CA PRO C 12 2.41 17.76 3.09
C PRO C 12 1.57 18.87 2.45
N ARG C 13 1.80 19.10 1.16
CA ARG C 13 1.09 20.11 0.39
C ARG C 13 -0.43 19.97 0.56
N ALA C 14 -0.93 18.75 0.37
CA ALA C 14 -2.37 18.48 0.49
C ALA C 14 -2.91 18.80 1.86
N LYS C 15 -2.11 18.56 2.89
CA LYS C 15 -2.54 18.83 4.25
C LYS C 15 -2.63 20.33 4.45
N ALA C 16 -1.69 21.06 3.89
CA ALA C 16 -1.68 22.52 4.00
C ALA C 16 -2.92 23.08 3.33
N GLU C 17 -3.27 22.53 2.16
CA GLU C 17 -4.44 22.99 1.43
C GLU C 17 -5.70 22.72 2.23
N GLU C 18 -5.77 21.52 2.83
CA GLU C 18 -6.92 21.16 3.65
C GLU C 18 -7.08 22.17 4.78
N MET C 19 -5.98 22.48 5.47
CA MET C 19 -5.99 23.43 6.59
C MET C 19 -6.47 24.80 6.16
N LEU C 20 -5.91 25.32 5.07
CA LEU C 20 -6.28 26.64 4.58
C LEU C 20 -7.70 26.71 4.03
N SER C 21 -8.16 25.62 3.41
CA SER C 21 -9.52 25.62 2.85
C SER C 21 -10.53 25.88 3.96
N LYS C 22 -10.21 25.39 5.15
CA LYS C 22 -11.08 25.56 6.31
C LYS C 22 -11.04 26.98 6.87
N GLN C 23 -9.97 27.73 6.56
CA GLN C 23 -9.86 29.09 7.04
C GLN C 23 -10.97 29.94 6.43
N ARG C 24 -11.43 30.94 7.15
CA ARG C 24 -12.53 31.76 6.66
C ARG C 24 -12.16 33.10 6.02
N HIS C 25 -10.87 33.43 5.97
CA HIS C 25 -10.45 34.68 5.35
C HIS C 25 -9.41 34.50 4.25
N ASP C 26 -9.66 35.12 3.09
CA ASP C 26 -8.73 35.05 1.98
C ASP C 26 -7.43 35.70 2.45
N GLY C 27 -6.30 35.11 2.07
CA GLY C 27 -5.03 35.65 2.50
C GLY C 27 -4.45 34.83 3.64
N ALA C 28 -5.29 34.04 4.31
CA ALA C 28 -4.82 33.20 5.39
C ALA C 28 -3.67 32.40 4.79
N PHE C 29 -2.54 32.36 5.50
CA PHE C 29 -1.37 31.66 4.96
C PHE C 29 -0.54 30.88 5.97
N LEU C 30 0.42 30.15 5.42
CA LEU C 30 1.37 29.39 6.22
C LEU C 30 2.57 29.14 5.33
N ILE C 31 3.72 28.89 5.94
CA ILE C 31 4.92 28.56 5.18
C ILE C 31 5.30 27.15 5.59
N ARG C 32 5.61 26.32 4.60
CA ARG C 32 5.98 24.94 4.82
C ARG C 32 7.24 24.66 3.99
N GLU C 33 7.86 23.51 4.23
CA GLU C 33 9.05 23.14 3.48
C GLU C 33 8.57 22.34 2.27
N SER C 34 9.12 22.67 1.12
CA SER C 34 8.75 22.07 -0.16
C SER C 34 8.78 20.56 -0.28
N GLU C 35 7.83 20.02 -1.05
CA GLU C 35 7.74 18.60 -1.31
C GLU C 35 8.52 18.27 -2.57
N SER C 36 8.32 19.10 -3.60
CA SER C 36 8.96 18.92 -4.90
C SER C 36 10.47 19.13 -4.92
N ALA C 37 10.96 20.06 -4.12
CA ALA C 37 12.38 20.33 -4.07
C ALA C 37 12.88 20.45 -2.64
N PRO C 38 13.89 19.65 -2.29
CA PRO C 38 14.44 19.68 -0.93
C PRO C 38 15.12 21.00 -0.62
N GLY C 39 14.99 21.45 0.62
CA GLY C 39 15.63 22.69 1.02
C GLY C 39 14.92 23.97 0.65
N ASP C 40 13.76 23.88 0.01
CA ASP C 40 13.03 25.11 -0.33
C ASP C 40 11.86 25.34 0.60
N PHE C 41 11.35 26.57 0.58
CA PHE C 41 10.20 26.93 1.40
C PHE C 41 9.07 27.28 0.45
N SER C 42 7.85 26.95 0.86
CA SER C 42 6.68 27.21 0.05
C SER C 42 5.70 28.03 0.88
N LEU C 43 5.21 29.11 0.28
CA LEU C 43 4.22 29.97 0.91
C LEU C 43 2.87 29.57 0.33
N SER C 44 1.97 29.08 1.17
CA SER C 44 0.63 28.66 0.73
C SER C 44 -0.41 29.65 1.23
N VAL C 45 -1.28 30.09 0.33
CA VAL C 45 -2.26 31.12 0.66
C VAL C 45 -3.69 30.80 0.19
N LYS C 46 -4.66 31.04 1.06
CA LYS C 46 -6.05 30.79 0.70
C LYS C 46 -6.61 31.91 -0.15
N PHE C 47 -7.38 31.53 -1.17
CA PHE C 47 -8.03 32.49 -2.05
C PHE C 47 -9.28 31.82 -2.62
N GLY C 48 -10.44 32.19 -2.08
CA GLY C 48 -11.68 31.58 -2.54
C GLY C 48 -11.68 30.11 -2.16
N ASN C 49 -12.15 29.25 -3.06
CA ASN C 49 -12.17 27.82 -2.80
C ASN C 49 -10.87 27.20 -3.27
N ASP C 50 -9.85 28.03 -3.40
CA ASP C 50 -8.57 27.52 -3.87
C ASP C 50 -7.43 27.92 -2.94
N VAL C 51 -6.26 27.35 -3.17
CA VAL C 51 -5.08 27.66 -2.38
C VAL C 51 -3.92 27.88 -3.35
N GLN C 52 -3.31 29.05 -3.28
CA GLN C 52 -2.17 29.35 -4.15
C GLN C 52 -0.86 29.05 -3.43
N HIS C 53 0.09 28.46 -4.17
CA HIS C 53 1.40 28.14 -3.61
C HIS C 53 2.50 28.94 -4.29
N PHE C 54 3.31 29.61 -3.47
CA PHE C 54 4.40 30.43 -3.99
C PHE C 54 5.71 29.84 -3.53
N LYS C 55 6.73 29.91 -4.38
CA LYS C 55 8.03 29.39 -4.00
C LYS C 55 8.88 30.52 -3.43
N VAL C 56 9.46 30.30 -2.26
CA VAL C 56 10.32 31.30 -1.65
C VAL C 56 11.68 31.16 -2.33
N LEU C 57 12.04 32.17 -3.12
CA LEU C 57 13.29 32.16 -3.85
C LEU C 57 14.42 32.82 -3.07
N ARG C 58 15.65 32.48 -3.42
CA ARG C 58 16.84 33.05 -2.79
C ARG C 58 17.77 33.46 -3.93
N ASP C 59 18.38 34.64 -3.84
CA ASP C 59 19.30 35.06 -4.89
C ASP C 59 20.74 34.72 -4.51
N GLY C 60 21.67 35.06 -5.40
CA GLY C 60 23.07 34.77 -5.14
C GLY C 60 23.63 35.34 -3.86
N ALA C 61 23.01 36.43 -3.38
CA ALA C 61 23.48 37.07 -2.15
C ALA C 61 22.76 36.51 -0.92
N GLY C 62 21.86 35.57 -1.12
CA GLY C 62 21.15 34.98 0.00
C GLY C 62 19.90 35.69 0.46
N LYS C 63 19.42 36.65 -0.33
CA LYS C 63 18.22 37.39 0.00
C LYS C 63 17.01 36.54 -0.38
N TYR C 64 15.88 36.79 0.27
CA TYR C 64 14.64 36.07 0.00
C TYR C 64 13.74 36.95 -0.85
N PHE C 65 12.96 36.33 -1.74
CA PHE C 65 12.03 37.09 -2.57
C PHE C 65 11.02 36.22 -3.30
N LEU C 66 9.98 36.84 -3.81
CA LEU C 66 8.94 36.15 -4.55
C LEU C 66 8.88 36.66 -5.98
N TRP C 67 9.01 37.97 -6.14
CA TRP C 67 8.95 38.59 -7.45
C TRP C 67 10.19 39.41 -7.81
N VAL C 68 10.17 40.70 -7.48
CA VAL C 68 11.31 41.57 -7.77
C VAL C 68 11.99 42.08 -6.48
N VAL C 69 11.19 42.61 -5.56
CA VAL C 69 11.72 43.14 -4.31
C VAL C 69 12.39 42.03 -3.50
N LYS C 70 13.60 42.32 -3.01
CA LYS C 70 14.37 41.36 -2.21
C LYS C 70 14.24 41.67 -0.73
N PHE C 71 14.31 40.63 0.10
CA PHE C 71 14.20 40.82 1.53
C PHE C 71 15.37 40.17 2.26
N ASN C 72 15.72 40.72 3.42
CA ASN C 72 16.83 40.19 4.20
C ASN C 72 16.44 39.14 5.23
N SER C 73 15.15 38.84 5.33
CA SER C 73 14.68 37.83 6.26
C SER C 73 13.30 37.34 5.81
N LEU C 74 12.91 36.16 6.30
CA LEU C 74 11.61 35.60 5.94
C LEU C 74 10.47 36.45 6.47
N ASN C 75 10.64 36.98 7.69
CA ASN C 75 9.62 37.84 8.28
C ASN C 75 9.41 39.09 7.47
N GLU C 76 10.52 39.66 6.98
CA GLU C 76 10.43 40.87 6.17
C GLU C 76 9.61 40.58 4.91
N LEU C 77 9.83 39.40 4.32
CA LEU C 77 9.12 39.01 3.11
C LEU C 77 7.63 38.86 3.42
N VAL C 78 7.31 38.15 4.49
CA VAL C 78 5.92 37.95 4.89
C VAL C 78 5.23 39.27 5.23
N ASP C 79 5.82 40.05 6.13
CA ASP C 79 5.24 41.32 6.52
C ASP C 79 5.03 42.27 5.34
N TYR C 80 5.96 42.26 4.39
CA TYR C 80 5.84 43.12 3.22
C TYR C 80 4.56 42.80 2.46
N HIS C 81 4.19 41.53 2.42
CA HIS C 81 3.00 41.14 1.70
C HIS C 81 1.71 41.17 2.51
N ARG C 82 1.74 41.84 3.67
CA ARG C 82 0.53 42.02 4.46
C ARG C 82 -0.05 43.34 3.97
N SER C 83 0.79 44.16 3.33
CA SER C 83 0.35 45.47 2.82
C SER C 83 0.46 45.61 1.29
N THR C 84 1.16 44.68 0.65
CA THR C 84 1.28 44.68 -0.81
C THR C 84 0.89 43.26 -1.25
N SER C 85 0.02 43.17 -2.24
CA SER C 85 -0.46 41.88 -2.72
C SER C 85 0.63 40.85 -2.98
N VAL C 86 0.41 39.62 -2.51
CA VAL C 86 1.37 38.55 -2.73
C VAL C 86 1.15 38.04 -4.16
N SER C 87 -0.01 38.38 -4.73
CA SER C 87 -0.37 37.98 -6.09
C SER C 87 -0.19 39.11 -7.10
N ARG C 88 0.27 38.74 -8.30
CA ARG C 88 0.47 39.72 -9.36
C ARG C 88 -0.75 39.74 -10.29
N ASN C 89 -1.75 38.93 -9.96
CA ASN C 89 -2.99 38.82 -10.74
C ASN C 89 -4.15 39.47 -10.01
N GLN C 90 -4.36 39.06 -8.76
CA GLN C 90 -5.44 39.63 -7.94
C GLN C 90 -4.83 40.31 -6.72
N GLN C 91 -5.67 41.01 -5.95
CA GLN C 91 -5.22 41.65 -4.73
C GLN C 91 -5.42 40.67 -3.59
N ILE C 92 -4.31 40.16 -3.07
CA ILE C 92 -4.35 39.18 -1.99
C ILE C 92 -3.30 39.55 -0.95
N PHE C 93 -3.76 39.93 0.24
CA PHE C 93 -2.86 40.32 1.32
C PHE C 93 -2.74 39.20 2.34
N LEU C 94 -1.52 38.90 2.77
CA LEU C 94 -1.33 37.86 3.76
C LEU C 94 -1.90 38.26 5.11
N ARG C 95 -2.45 37.27 5.82
CA ARG C 95 -2.99 37.48 7.16
C ARG C 95 -2.90 36.19 7.95
N ASP C 96 -2.57 36.31 9.23
CA ASP C 96 -2.40 35.14 10.10
C ASP C 96 -3.56 34.16 10.13
N ILE C 97 -3.24 32.87 10.18
CA ILE C 97 -4.25 31.84 10.27
C ILE C 97 -4.99 32.08 11.59
N GLU C 98 -6.24 31.71 11.63
CA GLU C 98 -7.03 31.89 12.84
C GLU C 98 -7.24 30.58 13.55
N VAL D 2 -2.55 -1.59 -8.95
CA VAL D 2 -3.01 -0.31 -9.52
C VAL D 2 -1.86 0.57 -10.01
N ASN D 3 -0.80 0.65 -9.22
CA ASN D 3 0.34 1.50 -9.59
C ASN D 3 1.32 0.80 -10.52
N VAL D 4 1.03 -0.46 -10.86
CA VAL D 4 1.91 -1.22 -11.76
C VAL D 4 1.18 -1.45 -13.09
N VAL E 2 -3.91 -32.73 -13.62
CA VAL E 2 -4.35 -31.41 -14.15
C VAL E 2 -3.18 -30.51 -14.58
N ASN E 3 -2.06 -30.57 -13.87
CA ASN E 3 -0.94 -29.70 -14.23
C ASN E 3 -0.01 -30.34 -15.26
N VAL E 4 -0.35 -31.53 -15.73
CA VAL E 4 0.48 -32.21 -16.73
C VAL E 4 -0.41 -32.89 -17.78
N VAL F 2 3.08 29.51 -8.38
CA VAL F 2 2.56 30.72 -9.01
C VAL F 2 3.69 31.60 -9.58
N ASN F 3 4.76 31.75 -8.81
CA ASN F 3 5.89 32.59 -9.26
C ASN F 3 6.98 31.81 -9.98
N VAL F 4 6.61 30.66 -10.54
CA VAL F 4 7.56 29.83 -11.30
C VAL F 4 6.99 29.63 -12.70
#